data_6NSO
#
_entry.id   6NSO
#
_cell.length_a   47.400
_cell.length_b   52.790
_cell.length_c   55.640
_cell.angle_alpha   90.00
_cell.angle_beta   112.07
_cell.angle_gamma   90.00
#
_symmetry.space_group_name_H-M   'P 1 21 1'
#
loop_
_entity.id
_entity.type
_entity.pdbx_description
1 polymer 'Quinolinate synthase A'
2 non-polymer 1,3-DIHYDROXYACETONEPHOSPHATE
3 non-polymer 'IRON/SULFUR CLUSTER'
4 water water
#
_entity_poly.entity_id   1
_entity_poly.type   'polypeptide(L)'
_entity_poly.pdbx_seq_one_letter_code
;MDLVEEILRLKEERNAIILAHNYQLPEVQDIADFIGDSLELARRATRVDADVIVFAGVDFMAETAKILNPDKVVLIPSRE
ATCAMANMLKVEHILEAKRKYPNAPVVLYVNSTAEAKAYADVTVTSANAVEVVKKLDSDVVIFGPDKNLAHYVAKMTGKK
IIPVPSKGHCYVHQKFTLDDVERAKKLHPNAKLMIHPECIPEVQEKADIIASTGGMIKRACEWDEWVVFTEREMVYRLRK
LYPQKKFYPAREDAFCIGMKAITLKNIYESLKDMKYKVEVPEEIARKARKAIERMLEMSK
;
_entity_poly.pdbx_strand_id   A
#
loop_
_chem_comp.id
_chem_comp.type
_chem_comp.name
_chem_comp.formula
13P non-polymer 1,3-DIHYDROXYACETONEPHOSPHATE 'C3 H7 O6 P'
SF4 non-polymer 'IRON/SULFUR CLUSTER' 'Fe4 S4'
#
# COMPACT_ATOMS: atom_id res chain seq x y z
N MET A 1 -17.98 -14.74 -22.83
CA MET A 1 -18.51 -14.46 -21.50
C MET A 1 -18.32 -13.00 -21.09
N ASP A 2 -19.40 -12.39 -20.61
CA ASP A 2 -19.40 -11.04 -20.05
C ASP A 2 -18.89 -11.11 -18.62
N LEU A 3 -17.59 -10.91 -18.44
CA LEU A 3 -17.00 -11.08 -17.11
C LEU A 3 -17.61 -10.13 -16.10
N VAL A 4 -17.89 -8.89 -16.50
CA VAL A 4 -18.45 -7.90 -15.58
C VAL A 4 -19.82 -8.34 -15.09
N GLU A 5 -20.68 -8.79 -16.01
N GLU A 5 -20.68 -8.81 -16.00
CA GLU A 5 -21.99 -9.30 -15.60
CA GLU A 5 -21.99 -9.29 -15.57
C GLU A 5 -21.84 -10.50 -14.66
C GLU A 5 -21.87 -10.52 -14.67
N GLU A 6 -20.95 -11.43 -14.99
CA GLU A 6 -20.77 -12.61 -14.16
C GLU A 6 -20.28 -12.24 -12.76
N ILE A 7 -19.35 -11.28 -12.68
CA ILE A 7 -18.83 -10.88 -11.38
C ILE A 7 -19.93 -10.24 -10.56
N LEU A 8 -20.74 -9.38 -11.18
CA LEU A 8 -21.84 -8.77 -10.45
C LEU A 8 -22.78 -9.82 -9.86
N ARG A 9 -23.10 -10.87 -10.63
CA ARG A 9 -23.98 -11.91 -10.12
C ARG A 9 -23.32 -12.68 -8.98
N LEU A 10 -22.06 -13.08 -9.16
CA LEU A 10 -21.36 -13.83 -8.12
C LEU A 10 -21.16 -13.03 -6.84
N LYS A 11 -20.96 -11.71 -6.94
CA LYS A 11 -20.87 -10.88 -5.74
C LYS A 11 -22.12 -11.03 -4.89
N GLU A 12 -23.28 -11.05 -5.53
CA GLU A 12 -24.54 -11.24 -4.84
C GLU A 12 -24.64 -12.65 -4.26
N GLU A 13 -24.31 -13.66 -5.06
CA GLU A 13 -24.45 -15.04 -4.62
C GLU A 13 -23.52 -15.35 -3.43
N ARG A 14 -22.34 -14.76 -3.41
CA ARG A 14 -21.34 -14.98 -2.37
C ARG A 14 -21.42 -13.98 -1.22
N ASN A 15 -22.29 -12.96 -1.31
CA ASN A 15 -22.29 -11.84 -0.36
CA ASN A 15 -22.29 -11.85 -0.35
C ASN A 15 -20.87 -11.30 -0.19
N ALA A 16 -20.32 -10.82 -1.29
CA ALA A 16 -18.91 -10.48 -1.36
C ALA A 16 -18.76 -9.00 -1.70
N ILE A 17 -17.70 -8.41 -1.18
CA ILE A 17 -17.25 -7.10 -1.56
C ILE A 17 -15.89 -7.24 -2.23
N ILE A 18 -15.63 -6.41 -3.22
CA ILE A 18 -14.34 -6.32 -3.87
C ILE A 18 -13.64 -5.05 -3.38
N LEU A 19 -12.48 -5.23 -2.77
CA LEU A 19 -11.64 -4.12 -2.33
C LEU A 19 -10.48 -4.04 -3.30
N ALA A 20 -10.21 -2.84 -3.82
CA ALA A 20 -9.17 -2.69 -4.84
C ALA A 20 -8.16 -1.64 -4.45
N HIS A 21 -6.89 -1.92 -4.68
CA HIS A 21 -5.89 -0.88 -4.48
C HIS A 21 -5.89 0.08 -5.67
N ASN A 22 -5.34 1.27 -5.43
CA ASN A 22 -5.26 2.33 -6.43
C ASN A 22 -4.43 1.94 -7.66
N TYR A 23 -3.58 0.94 -7.56
CA TYR A 23 -2.73 0.52 -8.68
C TYR A 23 -3.38 -0.58 -9.51
N GLN A 24 -4.62 -0.94 -9.20
CA GLN A 24 -5.29 -1.98 -9.99
C GLN A 24 -5.58 -1.48 -11.41
N LEU A 25 -5.60 -2.44 -12.36
CA LEU A 25 -6.00 -2.15 -13.73
C LEU A 25 -7.28 -1.34 -13.75
N PRO A 26 -7.44 -0.43 -14.72
CA PRO A 26 -8.69 0.34 -14.80
C PRO A 26 -9.96 -0.50 -14.79
N GLU A 27 -9.99 -1.61 -15.53
CA GLU A 27 -11.22 -2.42 -15.57
C GLU A 27 -11.49 -3.09 -14.23
N VAL A 28 -10.47 -3.33 -13.41
CA VAL A 28 -10.68 -3.86 -12.07
C VAL A 28 -11.19 -2.76 -11.14
N GLN A 29 -10.53 -1.59 -11.16
CA GLN A 29 -11.06 -0.45 -10.42
C GLN A 29 -12.53 -0.23 -10.75
N ASP A 30 -12.91 -0.44 -12.01
CA ASP A 30 -14.28 -0.15 -12.41
C ASP A 30 -15.31 -1.09 -11.82
N ILE A 31 -14.91 -2.27 -11.35
CA ILE A 31 -15.86 -3.20 -10.74
C ILE A 31 -15.68 -3.33 -9.25
N ALA A 32 -14.71 -2.63 -8.67
CA ALA A 32 -14.50 -2.68 -7.23
C ALA A 32 -15.58 -1.90 -6.50
N ASP A 33 -15.88 -2.34 -5.29
CA ASP A 33 -16.79 -1.61 -4.42
C ASP A 33 -16.10 -0.47 -3.69
N PHE A 34 -14.84 -0.65 -3.35
CA PHE A 34 -14.07 0.35 -2.63
C PHE A 34 -12.66 0.34 -3.20
N ILE A 35 -12.12 1.53 -3.45
CA ILE A 35 -10.77 1.70 -3.97
C ILE A 35 -10.00 2.60 -3.00
N GLY A 36 -8.76 2.21 -2.68
CA GLY A 36 -8.02 3.08 -1.78
C GLY A 36 -6.57 2.67 -1.63
N ASP A 37 -5.86 3.42 -0.78
CA ASP A 37 -4.47 3.11 -0.48
C ASP A 37 -4.41 2.07 0.64
N SER A 38 -3.19 1.81 1.13
CA SER A 38 -3.01 0.77 2.14
C SER A 38 -3.78 1.11 3.41
N LEU A 39 -3.72 2.38 3.84
CA LEU A 39 -4.33 2.78 5.11
C LEU A 39 -5.85 2.78 5.01
N GLU A 40 -6.40 3.27 3.90
CA GLU A 40 -7.84 3.28 3.74
C GLU A 40 -8.40 1.86 3.63
N LEU A 41 -7.70 1.00 2.91
CA LEU A 41 -8.15 -0.38 2.81
C LEU A 41 -8.12 -1.07 4.17
N ALA A 42 -7.18 -0.71 5.04
CA ALA A 42 -7.14 -1.31 6.36
C ALA A 42 -8.32 -0.84 7.20
N ARG A 43 -8.60 0.46 7.18
CA ARG A 43 -9.75 0.97 7.92
CA ARG A 43 -9.75 0.98 7.92
C ARG A 43 -11.05 0.42 7.36
N ARG A 44 -11.20 0.42 6.04
CA ARG A 44 -12.40 -0.15 5.43
C ARG A 44 -12.54 -1.64 5.78
N ALA A 45 -11.41 -2.32 6.02
CA ALA A 45 -11.43 -3.69 6.49
C ALA A 45 -12.09 -3.86 7.85
N THR A 46 -12.32 -2.77 8.59
CA THR A 46 -12.90 -2.89 9.93
C THR A 46 -14.41 -2.62 9.96
N ARG A 47 -15.03 -2.28 8.82
CA ARG A 47 -16.47 -2.10 8.78
C ARG A 47 -17.08 -2.92 7.65
N VAL A 48 -16.55 -4.13 7.46
CA VAL A 48 -17.04 -5.02 6.42
C VAL A 48 -18.25 -5.80 6.93
N ASP A 49 -19.41 -5.57 6.31
CA ASP A 49 -20.61 -6.34 6.61
C ASP A 49 -20.73 -7.61 5.76
N ALA A 50 -20.06 -7.66 4.61
CA ALA A 50 -20.12 -8.81 3.71
C ALA A 50 -19.49 -10.05 4.35
N ASP A 51 -19.81 -11.20 3.77
CA ASP A 51 -19.23 -12.47 4.20
C ASP A 51 -17.89 -12.77 3.54
N VAL A 52 -17.67 -12.31 2.32
CA VAL A 52 -16.47 -12.64 1.56
C VAL A 52 -15.83 -11.33 1.12
N ILE A 53 -14.51 -11.26 1.24
CA ILE A 53 -13.73 -10.15 0.70
C ILE A 53 -12.90 -10.69 -0.45
N VAL A 54 -13.07 -10.12 -1.65
CA VAL A 54 -12.14 -10.35 -2.75
C VAL A 54 -11.15 -9.20 -2.73
N PHE A 55 -9.86 -9.50 -2.53
CA PHE A 55 -8.87 -8.43 -2.41
C PHE A 55 -8.11 -8.28 -3.72
N ALA A 56 -8.48 -7.25 -4.50
CA ALA A 56 -7.77 -6.91 -5.73
C ALA A 56 -6.56 -6.05 -5.34
N GLY A 57 -5.50 -6.75 -4.92
CA GLY A 57 -4.27 -6.12 -4.53
C GLY A 57 -3.24 -7.21 -4.32
N VAL A 58 -2.17 -6.90 -3.58
CA VAL A 58 -1.10 -7.88 -3.41
C VAL A 58 -1.25 -8.54 -2.05
N ASP A 59 -0.43 -9.58 -1.84
CA ASP A 59 -0.61 -10.52 -0.74
C ASP A 59 -0.61 -9.88 0.64
N PHE A 60 0.33 -8.97 0.92
CA PHE A 60 0.38 -8.42 2.28
C PHE A 60 -0.88 -7.63 2.59
N MET A 61 -1.54 -7.10 1.54
CA MET A 61 -2.76 -6.33 1.72
C MET A 61 -3.94 -7.22 2.03
N ALA A 62 -4.07 -8.34 1.30
CA ALA A 62 -5.09 -9.33 1.60
C ALA A 62 -4.87 -9.92 3.00
N GLU A 63 -3.61 -10.17 3.37
CA GLU A 63 -3.31 -10.67 4.71
C GLU A 63 -3.77 -9.70 5.79
N THR A 64 -3.48 -8.41 5.60
CA THR A 64 -3.97 -7.39 6.54
C THR A 64 -5.47 -7.43 6.68
N ALA A 65 -6.20 -7.54 5.55
CA ALA A 65 -7.66 -7.65 5.62
C ALA A 65 -8.08 -8.89 6.39
N LYS A 66 -7.35 -10.00 6.23
CA LYS A 66 -7.70 -11.22 6.95
C LYS A 66 -7.44 -11.08 8.45
N ILE A 67 -6.34 -10.41 8.82
CA ILE A 67 -6.03 -10.20 10.23
C ILE A 67 -7.15 -9.42 10.92
N LEU A 68 -7.75 -8.49 10.21
CA LEU A 68 -8.80 -7.65 10.77
C LEU A 68 -10.19 -8.26 10.61
N ASN A 69 -10.33 -9.28 9.77
CA ASN A 69 -11.60 -9.98 9.55
C ASN A 69 -11.37 -11.48 9.63
N PRO A 70 -10.96 -11.99 10.79
CA PRO A 70 -10.50 -13.38 10.85
C PRO A 70 -11.59 -14.40 10.55
N ASP A 71 -12.86 -14.05 10.74
CA ASP A 71 -13.96 -14.99 10.56
C ASP A 71 -14.69 -14.78 9.23
N LYS A 72 -14.20 -13.89 8.38
N LYS A 72 -14.17 -13.92 8.37
CA LYS A 72 -14.68 -13.78 7.01
CA LYS A 72 -14.66 -13.77 7.01
C LYS A 72 -13.70 -14.46 6.05
C LYS A 72 -13.69 -14.44 6.04
N VAL A 73 -14.22 -14.86 4.91
CA VAL A 73 -13.41 -15.46 3.86
C VAL A 73 -12.76 -14.33 3.07
N VAL A 74 -11.44 -14.33 3.01
CA VAL A 74 -10.70 -13.34 2.23
C VAL A 74 -10.04 -14.08 1.09
N LEU A 75 -10.29 -13.62 -0.13
CA LEU A 75 -9.79 -14.28 -1.33
C LEU A 75 -8.79 -13.39 -2.03
N ILE A 76 -7.64 -13.93 -2.40
CA ILE A 76 -6.72 -13.25 -3.29
C ILE A 76 -6.79 -13.93 -4.65
N PRO A 77 -7.06 -13.21 -5.75
CA PRO A 77 -7.32 -13.90 -7.03
C PRO A 77 -6.10 -14.58 -7.62
N SER A 78 -4.88 -14.14 -7.27
CA SER A 78 -3.68 -14.82 -7.72
C SER A 78 -2.69 -14.83 -6.59
N ARG A 79 -2.11 -16.01 -6.29
CA ARG A 79 -1.04 -16.00 -5.30
C ARG A 79 0.26 -15.38 -5.82
N GLU A 80 0.35 -15.05 -7.10
CA GLU A 80 1.50 -14.33 -7.62
C GLU A 80 1.34 -12.82 -7.55
N ALA A 81 0.31 -12.34 -6.86
CA ALA A 81 0.13 -10.91 -6.62
C ALA A 81 0.93 -10.59 -5.36
N THR A 82 2.20 -10.27 -5.53
CA THR A 82 3.10 -10.15 -4.39
C THR A 82 3.91 -8.86 -4.50
N CYS A 83 4.40 -8.43 -3.34
CA CYS A 83 5.16 -7.21 -3.20
C CYS A 83 6.63 -7.55 -2.99
N ALA A 84 7.45 -7.13 -3.95
CA ALA A 84 8.89 -7.43 -3.91
C ALA A 84 9.54 -6.85 -2.67
N MET A 85 9.15 -5.63 -2.28
N MET A 85 9.12 -5.63 -2.29
CA MET A 85 9.84 -5.03 -1.15
CA MET A 85 9.74 -4.93 -1.17
C MET A 85 9.38 -5.64 0.17
C MET A 85 9.35 -5.54 0.16
N ALA A 86 8.08 -5.95 0.29
CA ALA A 86 7.59 -6.57 1.51
C ALA A 86 8.34 -7.86 1.82
N ASN A 87 8.70 -8.62 0.80
CA ASN A 87 9.39 -9.87 1.01
C ASN A 87 10.91 -9.71 1.13
N MET A 88 11.41 -8.48 1.23
CA MET A 88 12.82 -8.29 1.56
C MET A 88 13.10 -8.38 3.06
N LEU A 89 12.07 -8.24 3.90
CA LEU A 89 12.22 -8.15 5.34
C LEU A 89 11.88 -9.49 6.00
N LYS A 90 12.84 -10.07 6.70
CA LYS A 90 12.67 -11.34 7.39
C LYS A 90 12.72 -11.13 8.90
N VAL A 91 12.14 -12.07 9.64
CA VAL A 91 12.11 -11.99 11.10
C VAL A 91 13.52 -11.82 11.67
N GLU A 92 14.51 -12.46 11.05
CA GLU A 92 15.87 -12.39 11.59
C GLU A 92 16.39 -10.96 11.61
N HIS A 93 16.01 -10.14 10.62
CA HIS A 93 16.38 -8.73 10.59
C HIS A 93 15.81 -8.00 11.80
N ILE A 94 14.53 -8.24 12.08
CA ILE A 94 13.89 -7.58 13.21
C ILE A 94 14.56 -7.98 14.51
N LEU A 95 14.77 -9.29 14.69
CA LEU A 95 15.35 -9.75 15.95
C LEU A 95 16.74 -9.20 16.17
N GLU A 96 17.52 -9.05 15.08
CA GLU A 96 18.87 -8.51 15.24
C GLU A 96 18.81 -7.06 15.70
N ALA A 97 17.89 -6.28 15.11
CA ALA A 97 17.75 -4.87 15.49
C ALA A 97 17.22 -4.74 16.90
N LYS A 98 16.27 -5.59 17.29
CA LYS A 98 15.75 -5.54 18.65
C LYS A 98 16.85 -5.83 19.66
N ARG A 99 17.78 -6.71 19.30
CA ARG A 99 18.91 -7.01 20.18
CA ARG A 99 18.91 -7.01 20.17
C ARG A 99 19.77 -5.78 20.41
N LYS A 100 20.06 -5.02 19.36
CA LYS A 100 20.91 -3.86 19.50
C LYS A 100 20.19 -2.70 20.17
N TYR A 101 18.88 -2.59 19.98
CA TYR A 101 18.11 -1.44 20.49
C TYR A 101 16.86 -1.95 21.16
N PRO A 102 16.98 -2.61 22.31
CA PRO A 102 15.82 -3.22 22.96
C PRO A 102 14.73 -2.23 23.35
N ASN A 103 15.07 -0.95 23.56
CA ASN A 103 14.09 0.07 23.95
C ASN A 103 13.53 0.84 22.74
N ALA A 104 13.90 0.46 21.52
CA ALA A 104 13.34 1.11 20.33
C ALA A 104 12.07 0.42 19.89
N PRO A 105 10.96 1.14 19.75
CA PRO A 105 9.76 0.54 19.13
C PRO A 105 10.05 0.01 17.74
N VAL A 106 9.45 -1.13 17.41
CA VAL A 106 9.60 -1.73 16.09
C VAL A 106 8.43 -1.24 15.25
N VAL A 107 8.72 -0.42 14.24
CA VAL A 107 7.70 0.21 13.40
C VAL A 107 7.80 -0.42 12.01
N LEU A 108 6.76 -1.15 11.61
CA LEU A 108 6.79 -1.87 10.34
C LEU A 108 5.78 -1.25 9.37
N TYR A 109 6.29 -0.85 8.21
CA TYR A 109 5.45 -0.54 7.08
C TYR A 109 4.49 -1.70 6.83
N VAL A 110 3.25 -1.39 6.49
CA VAL A 110 2.27 -2.43 6.18
C VAL A 110 2.74 -3.29 5.02
N ASN A 111 3.66 -2.79 4.19
CA ASN A 111 4.29 -3.64 3.19
C ASN A 111 5.25 -4.60 3.88
N SER A 112 4.68 -5.60 4.54
CA SER A 112 5.45 -6.60 5.27
C SER A 112 4.62 -7.86 5.41
N THR A 113 5.28 -8.98 5.66
CA THR A 113 4.55 -10.21 5.91
C THR A 113 3.80 -10.11 7.25
N ALA A 114 2.75 -10.90 7.39
CA ALA A 114 2.07 -10.98 8.68
C ALA A 114 3.01 -11.49 9.75
N GLU A 115 3.90 -12.41 9.37
CA GLU A 115 4.90 -12.93 10.32
CA GLU A 115 4.88 -12.93 10.32
C GLU A 115 5.77 -11.81 10.86
N ALA A 116 6.22 -10.90 9.99
CA ALA A 116 7.02 -9.78 10.47
C ALA A 116 6.20 -8.86 11.35
N LYS A 117 4.95 -8.59 10.97
CA LYS A 117 4.12 -7.73 11.81
C LYS A 117 3.94 -8.31 13.21
N ALA A 118 4.09 -9.63 13.36
CA ALA A 118 3.96 -10.25 14.67
C ALA A 118 5.02 -9.75 15.63
N TYR A 119 6.10 -9.18 15.12
CA TYR A 119 7.20 -8.66 15.94
C TYR A 119 7.20 -7.14 15.98
N ALA A 120 6.17 -6.50 15.44
CA ALA A 120 6.07 -5.05 15.45
C ALA A 120 5.29 -4.57 16.68
N ASP A 121 5.68 -3.40 17.18
CA ASP A 121 4.87 -2.69 18.16
C ASP A 121 3.72 -1.95 17.50
N VAL A 122 3.96 -1.41 16.30
CA VAL A 122 2.94 -0.68 15.58
C VAL A 122 3.28 -0.77 14.10
N THR A 123 2.26 -0.82 13.26
CA THR A 123 2.46 -0.73 11.82
C THR A 123 2.23 0.71 11.38
N VAL A 124 2.70 1.03 10.18
CA VAL A 124 2.48 2.32 9.55
C VAL A 124 2.24 2.10 8.06
N THR A 125 1.62 3.09 7.44
CA THR A 125 1.62 3.19 5.99
C THR A 125 2.30 4.49 5.61
N SER A 126 2.48 4.71 4.31
CA SER A 126 3.06 5.96 3.84
CA SER A 126 3.05 5.95 3.83
C SER A 126 2.26 7.16 4.32
N ALA A 127 0.95 6.99 4.53
CA ALA A 127 0.12 8.13 4.91
C ALA A 127 0.33 8.56 6.36
N ASN A 128 0.67 7.63 7.26
CA ASN A 128 0.72 7.95 8.69
C ASN A 128 2.08 7.68 9.34
N ALA A 129 3.11 7.29 8.59
CA ALA A 129 4.40 6.94 9.18
C ALA A 129 4.97 8.09 10.01
N VAL A 130 4.90 9.32 9.49
CA VAL A 130 5.52 10.44 10.22
C VAL A 130 4.77 10.72 11.52
N GLU A 131 3.44 10.77 11.47
CA GLU A 131 2.65 11.05 12.68
C GLU A 131 2.86 9.97 13.73
N VAL A 132 2.79 8.70 13.32
CA VAL A 132 2.99 7.59 14.25
C VAL A 132 4.37 7.67 14.88
N VAL A 133 5.43 7.78 14.06
CA VAL A 133 6.79 7.80 14.61
C VAL A 133 6.99 8.98 15.54
N LYS A 134 6.44 10.14 15.17
CA LYS A 134 6.55 11.32 16.04
C LYS A 134 6.04 11.01 17.43
N LYS A 135 4.88 10.34 17.52
CA LYS A 135 4.22 10.16 18.81
C LYS A 135 4.77 9.01 19.62
N LEU A 136 5.55 8.11 19.03
CA LEU A 136 6.12 7.03 19.82
C LEU A 136 7.07 7.59 20.88
N ASP A 137 7.06 6.95 22.04
CA ASP A 137 7.81 7.40 23.22
C ASP A 137 9.24 6.85 23.15
N SER A 138 9.99 7.40 22.21
CA SER A 138 11.38 7.03 22.00
C SER A 138 11.97 7.93 20.94
N ASP A 139 13.25 8.28 21.08
CA ASP A 139 13.95 9.06 20.06
C ASP A 139 14.57 8.20 18.97
N VAL A 140 14.47 6.87 19.11
CA VAL A 140 14.97 5.95 18.10
C VAL A 140 13.89 4.90 17.84
N VAL A 141 13.67 4.59 16.57
CA VAL A 141 12.70 3.57 16.18
C VAL A 141 13.34 2.65 15.15
N ILE A 142 12.97 1.38 15.23
CA ILE A 142 13.31 0.39 14.22
C ILE A 142 12.23 0.44 13.15
N PHE A 143 12.64 0.51 11.88
CA PHE A 143 11.73 0.87 10.79
C PHE A 143 12.09 0.15 9.50
N GLY A 144 11.10 -0.44 8.84
CA GLY A 144 11.31 -1.04 7.55
C GLY A 144 10.03 -1.50 6.89
N PRO A 145 10.10 -2.04 5.67
CA PRO A 145 11.34 -2.38 4.94
C PRO A 145 11.86 -1.29 4.00
N ASP A 146 11.15 -0.18 3.82
CA ASP A 146 11.48 0.76 2.75
C ASP A 146 12.44 1.83 3.24
N LYS A 147 13.68 1.79 2.74
CA LYS A 147 14.70 2.77 3.14
C LYS A 147 14.40 4.18 2.64
N ASN A 148 13.63 4.31 1.55
CA ASN A 148 13.34 5.65 1.04
C ASN A 148 12.27 6.33 1.89
N LEU A 149 11.24 5.58 2.28
CA LEU A 149 10.30 6.09 3.26
C LEU A 149 10.99 6.32 4.60
N ALA A 150 11.91 5.42 4.98
CA ALA A 150 12.74 5.61 6.16
C ALA A 150 13.43 6.96 6.15
N HIS A 151 14.00 7.33 5.00
CA HIS A 151 14.68 8.62 4.89
C HIS A 151 13.70 9.77 5.10
N TYR A 152 12.53 9.68 4.49
CA TYR A 152 11.53 10.73 4.65
C TYR A 152 11.11 10.87 6.11
N VAL A 153 10.85 9.73 6.76
CA VAL A 153 10.43 9.77 8.16
C VAL A 153 11.52 10.39 9.04
N ALA A 154 12.78 10.04 8.79
CA ALA A 154 13.87 10.63 9.56
C ALA A 154 13.91 12.13 9.39
N LYS A 155 13.79 12.60 8.14
CA LYS A 155 13.85 14.03 7.86
C LYS A 155 12.71 14.77 8.55
N MET A 156 11.51 14.20 8.51
CA MET A 156 10.36 14.92 9.05
C MET A 156 10.24 14.83 10.57
N THR A 157 10.66 13.72 11.18
CA THR A 157 10.51 13.61 12.63
C THR A 157 11.76 13.99 13.41
N GLY A 158 12.93 14.03 12.77
CA GLY A 158 14.15 14.26 13.50
C GLY A 158 14.60 13.10 14.37
N LYS A 159 13.90 11.97 14.33
CA LYS A 159 14.28 10.83 15.15
C LYS A 159 15.27 9.95 14.38
N LYS A 160 15.94 9.08 15.14
CA LYS A 160 16.96 8.20 14.62
C LYS A 160 16.29 6.91 14.15
N ILE A 161 16.52 6.53 12.91
CA ILE A 161 15.77 5.46 12.26
C ILE A 161 16.72 4.30 12.01
N ILE A 162 16.38 3.13 12.55
CA ILE A 162 17.18 1.92 12.32
C ILE A 162 16.52 1.08 11.24
N PRO A 163 16.94 1.18 9.97
CA PRO A 163 16.27 0.42 8.92
C PRO A 163 16.45 -1.09 9.07
N VAL A 164 15.39 -1.82 8.76
CA VAL A 164 15.43 -3.27 8.56
C VAL A 164 14.67 -3.58 7.27
N PRO A 165 15.29 -4.31 6.33
CA PRO A 165 16.69 -4.73 6.23
C PRO A 165 17.56 -3.54 5.84
N SER A 166 18.70 -3.81 5.20
CA SER A 166 19.67 -2.77 4.87
C SER A 166 19.28 -2.00 3.61
N LYS A 167 18.75 -2.67 2.59
CA LYS A 167 18.58 -2.05 1.28
C LYS A 167 17.15 -2.15 0.77
N GLY A 168 16.18 -2.24 1.67
CA GLY A 168 14.80 -2.40 1.24
C GLY A 168 14.27 -1.25 0.40
N HIS A 169 13.60 -1.58 -0.72
CA HIS A 169 13.09 -0.55 -1.62
C HIS A 169 12.09 -1.17 -2.58
N CYS A 170 11.34 -0.30 -3.25
CA CYS A 170 10.37 -0.68 -4.26
C CYS A 170 10.96 -0.40 -5.64
N TYR A 171 11.15 -1.45 -6.44
CA TYR A 171 11.73 -1.28 -7.77
C TYR A 171 10.91 -0.36 -8.66
N VAL A 172 9.60 -0.30 -8.44
CA VAL A 172 8.74 0.59 -9.22
C VAL A 172 9.09 2.05 -8.96
N HIS A 173 9.10 2.44 -7.69
CA HIS A 173 9.38 3.84 -7.34
C HIS A 173 10.85 4.21 -7.48
N GLN A 174 11.76 3.23 -7.40
CA GLN A 174 13.16 3.53 -7.64
C GLN A 174 13.45 3.83 -9.12
N LYS A 175 12.49 3.58 -10.01
CA LYS A 175 12.67 3.92 -11.43
C LYS A 175 12.71 5.42 -11.67
N PHE A 176 12.14 6.24 -10.78
CA PHE A 176 12.08 7.67 -11.02
C PHE A 176 13.41 8.33 -10.72
N THR A 177 13.83 9.21 -11.61
CA THR A 177 15.14 9.84 -11.54
C THR A 177 14.97 11.35 -11.68
N LEU A 178 16.06 12.06 -11.41
CA LEU A 178 16.07 13.51 -11.62
C LEU A 178 15.84 13.86 -13.09
N ASP A 179 16.24 12.99 -14.02
CA ASP A 179 15.93 13.28 -15.41
C ASP A 179 14.43 13.26 -15.68
N ASP A 180 13.69 12.39 -14.98
CA ASP A 180 12.23 12.36 -15.12
C ASP A 180 11.61 13.63 -14.56
N VAL A 181 12.16 14.17 -13.47
CA VAL A 181 11.70 15.46 -12.96
C VAL A 181 11.96 16.56 -13.98
N GLU A 182 13.13 16.55 -14.61
CA GLU A 182 13.43 17.56 -15.62
CA GLU A 182 13.44 17.55 -15.62
C GLU A 182 12.55 17.40 -16.86
N ARG A 183 12.31 16.17 -17.29
CA ARG A 183 11.43 15.98 -18.45
C ARG A 183 10.01 16.44 -18.13
N ALA A 184 9.53 16.14 -16.92
CA ALA A 184 8.17 16.52 -16.52
C ALA A 184 8.00 18.04 -16.54
N LYS A 185 8.96 18.75 -15.95
CA LYS A 185 8.90 20.20 -15.93
C LYS A 185 8.97 20.79 -17.34
N LYS A 186 9.63 20.11 -18.27
CA LYS A 186 9.71 20.61 -19.64
C LYS A 186 8.44 20.32 -20.43
N LEU A 187 7.87 19.13 -20.27
CA LEU A 187 6.67 18.80 -21.05
C LEU A 187 5.43 19.45 -20.48
N HIS A 188 5.38 19.64 -19.17
CA HIS A 188 4.18 20.12 -18.49
C HIS A 188 4.57 21.26 -17.56
N PRO A 189 4.95 22.41 -18.11
CA PRO A 189 5.50 23.49 -17.27
C PRO A 189 4.49 24.10 -16.31
N ASN A 190 3.19 23.87 -16.50
CA ASN A 190 2.18 24.42 -15.60
C ASN A 190 1.72 23.40 -14.58
N ALA A 191 2.36 22.24 -14.51
CA ALA A 191 1.95 21.20 -13.59
C ALA A 191 2.80 21.22 -12.33
N LYS A 192 2.22 20.77 -11.24
CA LYS A 192 2.96 20.49 -10.02
C LYS A 192 3.22 18.99 -9.92
N LEU A 193 4.18 18.62 -9.08
CA LEU A 193 4.67 17.26 -9.02
C LEU A 193 4.21 16.60 -7.72
N MET A 194 3.43 15.53 -7.82
CA MET A 194 3.11 14.72 -6.67
C MET A 194 3.98 13.47 -6.67
N ILE A 195 4.71 13.25 -5.58
CA ILE A 195 5.77 12.24 -5.52
C ILE A 195 5.55 11.34 -4.32
N HIS A 196 5.56 10.03 -4.57
CA HIS A 196 5.40 9.06 -3.50
C HIS A 196 6.69 9.01 -2.66
N PRO A 197 6.58 8.86 -1.33
CA PRO A 197 7.81 8.78 -0.52
C PRO A 197 8.61 7.50 -0.68
N GLU A 198 8.14 6.52 -1.47
CA GLU A 198 9.00 5.41 -1.84
C GLU A 198 9.99 5.78 -2.94
N CYS A 199 9.87 6.98 -3.52
CA CYS A 199 10.89 7.48 -4.45
C CYS A 199 12.18 7.82 -3.70
N ILE A 200 13.30 7.82 -4.43
CA ILE A 200 14.60 8.10 -3.81
C ILE A 200 14.60 9.53 -3.27
N PRO A 201 15.42 9.81 -2.25
CA PRO A 201 15.37 11.14 -1.60
C PRO A 201 15.61 12.33 -2.52
N GLU A 202 16.49 12.21 -3.52
CA GLU A 202 16.77 13.37 -4.36
C GLU A 202 15.58 13.69 -5.23
N VAL A 203 14.78 12.67 -5.57
CA VAL A 203 13.52 12.90 -6.28
C VAL A 203 12.48 13.48 -5.35
N GLN A 204 12.36 12.92 -4.12
CA GLN A 204 11.45 13.49 -3.11
C GLN A 204 11.67 14.99 -2.95
N GLU A 205 12.92 15.44 -2.99
CA GLU A 205 13.23 16.84 -2.77
C GLU A 205 12.72 17.75 -3.88
N LYS A 206 12.34 17.20 -5.03
CA LYS A 206 11.81 17.99 -6.13
C LYS A 206 10.30 18.10 -6.10
N ALA A 207 9.65 17.48 -5.13
CA ALA A 207 8.20 17.36 -5.10
C ALA A 207 7.53 18.66 -4.68
N ASP A 208 6.36 18.92 -5.28
CA ASP A 208 5.45 19.90 -4.73
C ASP A 208 4.70 19.31 -3.55
N ILE A 209 4.30 18.05 -3.65
CA ILE A 209 3.78 17.31 -2.51
C ILE A 209 4.39 15.92 -2.48
N ILE A 210 4.75 15.48 -1.27
CA ILE A 210 5.10 14.10 -0.99
C ILE A 210 3.90 13.48 -0.29
N ALA A 211 3.39 12.37 -0.83
CA ALA A 211 2.17 11.82 -0.26
C ALA A 211 2.05 10.37 -0.67
N SER A 212 1.36 9.59 0.17
CA SER A 212 0.81 8.30 -0.19
C SER A 212 -0.18 8.51 -1.33
N THR A 213 -0.61 7.42 -1.98
CA THR A 213 -1.63 7.57 -3.00
C THR A 213 -2.91 8.15 -2.42
N GLY A 214 -3.24 7.81 -1.18
CA GLY A 214 -4.40 8.41 -0.53
C GLY A 214 -4.24 9.91 -0.37
N GLY A 215 -3.04 10.35 0.03
CA GLY A 215 -2.81 11.77 0.18
C GLY A 215 -2.73 12.49 -1.16
N MET A 216 -2.28 11.78 -2.21
CA MET A 216 -2.35 12.34 -3.54
C MET A 216 -3.78 12.69 -3.91
N ILE A 217 -4.71 11.78 -3.62
CA ILE A 217 -6.12 12.05 -3.88
C ILE A 217 -6.62 13.21 -3.05
N LYS A 218 -6.24 13.24 -1.76
CA LYS A 218 -6.72 14.29 -0.88
C LYS A 218 -6.24 15.66 -1.33
N ARG A 219 -5.00 15.76 -1.80
CA ARG A 219 -4.39 17.05 -2.08
C ARG A 219 -4.44 17.45 -3.55
N ALA A 220 -5.02 16.60 -4.40
CA ALA A 220 -5.10 16.97 -5.81
C ALA A 220 -5.95 18.21 -6.02
N CYS A 221 -6.83 18.56 -5.08
CA CYS A 221 -7.63 19.76 -5.20
C CYS A 221 -6.81 21.06 -5.15
N GLU A 222 -5.53 20.99 -4.76
CA GLU A 222 -4.71 22.17 -4.58
C GLU A 222 -4.14 22.73 -5.87
N TRP A 223 -4.24 22.03 -6.99
CA TRP A 223 -3.76 22.53 -8.28
C TRP A 223 -4.56 21.83 -9.38
N ASP A 224 -4.54 22.37 -10.61
CA ASP A 224 -5.35 21.76 -11.66
C ASP A 224 -4.57 20.82 -12.58
N GLU A 225 -3.26 20.75 -12.45
CA GLU A 225 -2.43 19.96 -13.35
C GLU A 225 -1.31 19.29 -12.55
N TRP A 226 -1.18 17.97 -12.66
CA TRP A 226 -0.21 17.23 -11.85
C TRP A 226 0.53 16.20 -12.68
N VAL A 227 1.85 16.13 -12.48
CA VAL A 227 2.65 14.99 -12.91
C VAL A 227 2.75 14.02 -11.75
N VAL A 228 2.49 12.73 -12.02
CA VAL A 228 2.23 11.75 -10.97
C VAL A 228 3.43 10.79 -10.87
N PHE A 229 4.22 10.93 -9.80
CA PHE A 229 5.39 10.08 -9.58
C PHE A 229 5.02 8.89 -8.69
N THR A 230 4.23 7.99 -9.25
CA THR A 230 4.00 6.68 -8.62
C THR A 230 3.60 5.70 -9.73
N GLU A 231 3.11 4.53 -9.33
CA GLU A 231 2.71 3.48 -10.27
C GLU A 231 1.68 4.02 -11.26
N ARG A 232 1.84 3.69 -12.53
CA ARG A 232 1.14 4.49 -13.55
C ARG A 232 -0.38 4.30 -13.55
N GLU A 233 -0.92 3.24 -12.93
CA GLU A 233 -2.37 3.11 -12.87
C GLU A 233 -2.99 4.16 -11.97
N MET A 234 -2.19 4.82 -11.14
CA MET A 234 -2.70 5.93 -10.33
C MET A 234 -3.20 7.07 -11.21
N VAL A 235 -2.66 7.24 -12.40
CA VAL A 235 -3.13 8.31 -13.28
C VAL A 235 -4.59 8.07 -13.67
N TYR A 236 -4.94 6.81 -13.97
CA TYR A 236 -6.33 6.48 -14.27
C TYR A 236 -7.24 6.81 -13.10
N ARG A 237 -6.82 6.41 -11.91
CA ARG A 237 -7.61 6.65 -10.70
C ARG A 237 -7.86 8.14 -10.51
N LEU A 238 -6.81 8.95 -10.65
CA LEU A 238 -6.97 10.40 -10.46
C LEU A 238 -7.83 11.02 -11.55
N ARG A 239 -7.67 10.56 -12.79
CA ARG A 239 -8.47 11.09 -13.89
C ARG A 239 -9.96 10.79 -13.71
N LYS A 240 -10.29 9.61 -13.19
CA LYS A 240 -11.68 9.25 -12.90
C LYS A 240 -12.25 10.10 -11.76
N LEU A 241 -11.45 10.38 -10.75
CA LEU A 241 -11.94 11.17 -9.62
C LEU A 241 -12.14 12.63 -9.99
N TYR A 242 -11.21 13.18 -10.77
CA TYR A 242 -11.20 14.61 -11.10
C TYR A 242 -11.11 14.76 -12.61
N PRO A 243 -12.22 14.52 -13.32
CA PRO A 243 -12.16 14.62 -14.80
C PRO A 243 -11.80 16.01 -15.28
N GLN A 244 -12.00 17.05 -14.46
CA GLN A 244 -11.72 18.42 -14.89
C GLN A 244 -10.25 18.80 -14.77
N LYS A 245 -9.43 17.97 -14.14
CA LYS A 245 -8.02 18.23 -13.97
C LYS A 245 -7.22 17.48 -15.04
N LYS A 246 -5.93 17.74 -15.08
CA LYS A 246 -5.02 17.02 -15.97
C LYS A 246 -3.99 16.30 -15.13
N PHE A 247 -3.74 15.03 -15.47
CA PHE A 247 -2.76 14.20 -14.79
C PHE A 247 -1.89 13.55 -15.83
N TYR A 248 -0.59 13.54 -15.60
CA TYR A 248 0.35 12.94 -16.52
C TYR A 248 1.23 11.95 -15.76
N PRO A 249 1.53 10.79 -16.34
CA PRO A 249 2.49 9.88 -15.71
C PRO A 249 3.91 10.46 -15.77
N ALA A 250 4.64 10.37 -14.66
CA ALA A 250 6.06 10.72 -14.71
C ALA A 250 6.84 9.71 -15.56
N ARG A 251 6.40 8.45 -15.55
CA ARG A 251 6.97 7.36 -16.34
C ARG A 251 5.83 6.39 -16.62
N GLU A 252 5.52 6.17 -17.89
CA GLU A 252 4.54 5.14 -18.22
C GLU A 252 5.00 3.74 -17.78
N ASP A 253 6.32 3.45 -17.85
CA ASP A 253 6.83 2.13 -17.48
C ASP A 253 7.00 1.90 -15.97
N ALA A 254 6.39 2.74 -15.12
CA ALA A 254 6.37 2.49 -13.68
C ALA A 254 5.21 1.54 -13.38
N PHE A 255 5.50 0.24 -13.49
CA PHE A 255 4.51 -0.82 -13.50
C PHE A 255 4.81 -1.83 -12.40
N CYS A 256 3.81 -2.10 -11.53
CA CYS A 256 3.94 -3.12 -10.49
C CYS A 256 3.43 -4.46 -11.02
N ILE A 257 4.35 -5.40 -11.25
CA ILE A 257 3.99 -6.72 -11.80
C ILE A 257 3.07 -7.45 -10.83
N GLY A 258 3.31 -7.35 -9.53
CA GLY A 258 2.43 -8.02 -8.57
C GLY A 258 1.00 -7.51 -8.61
N MET A 259 0.83 -6.19 -8.65
CA MET A 259 -0.51 -5.61 -8.75
C MET A 259 -1.23 -6.14 -9.98
N LYS A 260 -0.53 -6.24 -11.11
CA LYS A 260 -1.16 -6.65 -12.35
C LYS A 260 -1.23 -8.17 -12.51
N ALA A 261 -0.92 -8.95 -11.47
CA ALA A 261 -1.32 -10.35 -11.50
C ALA A 261 -2.82 -10.49 -11.33
N ILE A 262 -3.48 -9.45 -10.81
CA ILE A 262 -4.93 -9.44 -10.67
C ILE A 262 -5.55 -9.03 -12.00
N THR A 263 -6.51 -9.81 -12.47
CA THR A 263 -7.19 -9.53 -13.72
C THR A 263 -8.70 -9.67 -13.51
N LEU A 264 -9.46 -9.08 -14.43
CA LEU A 264 -10.90 -9.26 -14.40
C LEU A 264 -11.25 -10.74 -14.44
N LYS A 265 -10.57 -11.50 -15.29
CA LYS A 265 -10.86 -12.92 -15.41
C LYS A 265 -10.60 -13.67 -14.11
N ASN A 266 -9.47 -13.39 -13.43
CA ASN A 266 -9.26 -14.19 -12.24
C ASN A 266 -9.99 -13.62 -11.03
N ILE A 267 -10.54 -12.42 -11.12
CA ILE A 267 -11.52 -12.01 -10.12
C ILE A 267 -12.81 -12.82 -10.28
N TYR A 268 -13.27 -12.98 -11.52
CA TYR A 268 -14.39 -13.86 -11.80
C TYR A 268 -14.14 -15.25 -11.27
N GLU A 269 -12.96 -15.82 -11.58
CA GLU A 269 -12.64 -17.17 -11.14
C GLU A 269 -12.54 -17.25 -9.62
N SER A 270 -12.05 -16.18 -9.00
CA SER A 270 -11.95 -16.13 -7.56
C SER A 270 -13.32 -16.30 -6.92
N LEU A 271 -14.31 -15.54 -7.38
CA LEU A 271 -15.66 -15.65 -6.84
C LEU A 271 -16.30 -16.98 -7.21
N LYS A 272 -16.03 -17.46 -8.42
CA LYS A 272 -16.63 -18.72 -8.86
C LYS A 272 -16.15 -19.89 -8.04
N ASP A 273 -14.82 -19.97 -7.82
CA ASP A 273 -14.16 -21.11 -7.17
C ASP A 273 -13.91 -20.90 -5.68
N MET A 274 -14.21 -19.71 -5.14
CA MET A 274 -13.86 -19.32 -3.77
C MET A 274 -12.37 -19.57 -3.48
N LYS A 275 -11.52 -18.95 -4.29
CA LYS A 275 -10.08 -19.08 -4.18
C LYS A 275 -9.44 -17.73 -4.45
N TYR A 276 -8.20 -17.49 -4.03
CA TYR A 276 -7.43 -18.35 -3.16
C TYR A 276 -7.62 -17.86 -1.73
N LYS A 277 -8.05 -18.77 -0.85
CA LYS A 277 -8.35 -18.37 0.52
C LYS A 277 -7.08 -17.94 1.25
N VAL A 278 -7.14 -16.75 1.84
CA VAL A 278 -6.03 -16.18 2.58
C VAL A 278 -6.18 -16.60 4.04
N GLU A 279 -5.13 -17.18 4.61
CA GLU A 279 -5.18 -17.61 6.00
C GLU A 279 -3.96 -17.06 6.72
N VAL A 280 -4.13 -16.71 7.99
CA VAL A 280 -2.99 -16.24 8.79
C VAL A 280 -3.02 -17.02 10.09
N PRO A 281 -1.93 -17.67 10.49
CA PRO A 281 -1.94 -18.46 11.74
C PRO A 281 -2.37 -17.59 12.92
N GLU A 282 -3.14 -18.20 13.83
CA GLU A 282 -3.82 -17.46 14.89
C GLU A 282 -2.83 -16.65 15.75
N GLU A 283 -1.66 -17.22 16.05
CA GLU A 283 -0.73 -16.53 16.93
C GLU A 283 -0.05 -15.37 16.22
N ILE A 284 0.35 -15.57 14.97
CA ILE A 284 0.84 -14.47 14.16
C ILE A 284 -0.23 -13.39 14.00
N ALA A 285 -1.47 -13.81 13.71
CA ALA A 285 -2.54 -12.84 13.50
C ALA A 285 -2.83 -12.03 14.76
N ARG A 286 -2.82 -12.69 15.93
CA ARG A 286 -3.09 -11.98 17.17
C ARG A 286 -2.06 -10.88 17.40
N LYS A 287 -0.79 -11.21 17.22
CA LYS A 287 0.29 -10.24 17.45
C LYS A 287 0.29 -9.15 16.38
N ALA A 288 0.15 -9.53 15.12
CA ALA A 288 0.02 -8.53 14.06
C ALA A 288 -1.17 -7.63 14.32
N ARG A 289 -2.31 -8.21 14.72
CA ARG A 289 -3.52 -7.42 14.95
C ARG A 289 -3.27 -6.36 16.01
N LYS A 290 -2.53 -6.69 17.07
CA LYS A 290 -2.25 -5.72 18.11
C LYS A 290 -1.51 -4.51 17.55
N ALA A 291 -0.53 -4.75 16.68
CA ALA A 291 0.23 -3.65 16.07
C ALA A 291 -0.63 -2.84 15.11
N ILE A 292 -1.52 -3.51 14.38
CA ILE A 292 -2.35 -2.79 13.41
C ILE A 292 -3.41 -1.97 14.12
N GLU A 293 -4.10 -2.57 15.11
CA GLU A 293 -5.09 -1.82 15.86
C GLU A 293 -4.47 -0.60 16.52
N ARG A 294 -3.24 -0.74 17.01
CA ARG A 294 -2.54 0.41 17.57
C ARG A 294 -2.23 1.44 16.48
N MET A 295 -1.96 0.99 15.25
CA MET A 295 -1.79 1.95 14.16
C MET A 295 -3.09 2.71 13.90
N LEU A 296 -4.21 1.99 13.84
CA LEU A 296 -5.47 2.67 13.54
C LEU A 296 -5.88 3.61 14.65
N GLU A 297 -5.51 3.31 15.90
CA GLU A 297 -5.81 4.23 17.00
C GLU A 297 -4.96 5.48 16.92
N MET A 298 -3.69 5.34 16.54
CA MET A 298 -2.76 6.47 16.45
C MET A 298 -2.96 7.31 15.18
N SER A 299 -3.99 7.04 14.40
CA SER A 299 -4.27 7.73 13.14
C SER A 299 -3.14 7.52 12.13
P 13P B . -0.08 3.74 -0.72
O1P 13P B . 0.67 5.02 -1.11
O2P 13P B . -0.42 3.50 0.73
O3P 13P B . -1.00 3.24 -1.79
O1 13P B . 1.31 2.59 -1.01
C1 13P B . 1.34 2.24 -2.33
C2 13P B . 2.52 1.32 -2.51
O2 13P B . 3.57 1.61 -3.04
C3 13P B . 2.34 -0.08 -1.98
O3 13P B . 1.71 -0.73 -3.00
FE1 SF4 C . 3.79 -1.27 -3.92
FE2 SF4 C . 5.27 -3.47 -3.54
FE3 SF4 C . 6.21 -1.49 -5.02
FE4 SF4 C . 4.27 -3.04 -6.02
S1 SF4 C . 6.35 -3.66 -5.49
S2 SF4 C . 4.34 -0.85 -6.03
S3 SF4 C . 3.18 -3.35 -4.13
S4 SF4 C . 5.73 -1.42 -2.89
#